data_4CZK
#
_entry.id   4CZK
#
_cell.length_a   51.754
_cell.length_b   73.264
_cell.length_c   84.951
_cell.angle_alpha   90.00
_cell.angle_beta   90.00
_cell.angle_gamma   90.00
#
_symmetry.space_group_name_H-M   'P 21 21 21'
#
loop_
_entity.id
_entity.type
_entity.pdbx_description
1 polymer 'ROD SHAPE-DETERMINING PROTEIN MREB'
2 non-polymer 'MAGNESIUM ION'
3 non-polymer 'PHOSPHOAMINOPHOSPHONIC ACID-ADENYLATE ESTER'
4 non-polymer '4-chlorobenzyl carbamimidothioate'
5 water water
#
_entity_poly.entity_id   1
_entity_poly.type   'polypeptide(L)'
_entity_poly.pdbx_seq_one_letter_code
;MISNDIAIDLGTANTLIYQKGKGIVLNEPSVVALRNVGGRKVVHAVGIEAKQMLGRTPGHMEAIRPMRDGVIADFEVAEE
MIKYFIRKVHNRKGSGNPKVIVCVPSGATAVERRAINDSCLNAGARRVGLIDEPMAAAIGAGLPIHEPTGSMVVDIGGGT
TEVAVLSLSGIVYSRSVRVGGDKMDEAIISYMRRHHNLLIGETTAERIKKEIGTARAPADGEGLSIDVKGRDLMQGVPRE
VRISEKQAADALAEPVGQIVEAVKVALEATPPELASDIADKGIMLTGGGALLRGLDAEIRDHTGLPVTVADDPLSCVALG
CGKVLEHPKWMKGVLESTLAGSHHHHHH
;
_entity_poly.pdbx_strand_id   A
#
# COMPACT_ATOMS: atom_id res chain seq x y z
N ILE A 2 -6.78 -19.37 -23.38
CA ILE A 2 -6.67 -18.72 -22.07
C ILE A 2 -5.21 -18.59 -21.65
N SER A 3 -4.88 -17.46 -21.03
CA SER A 3 -3.50 -17.14 -20.70
C SER A 3 -3.19 -17.31 -19.22
N ASN A 4 -1.92 -17.57 -18.92
CA ASN A 4 -1.45 -17.61 -17.54
C ASN A 4 -0.48 -16.46 -17.25
N ASP A 5 -0.47 -15.47 -18.14
CA ASP A 5 0.33 -14.28 -17.91
C ASP A 5 -0.31 -13.46 -16.79
N ILE A 6 0.49 -13.06 -15.82
CA ILE A 6 -0.03 -12.30 -14.68
C ILE A 6 0.90 -11.14 -14.31
N ALA A 7 0.30 -10.12 -13.71
CA ALA A 7 1.05 -9.01 -13.15
C ALA A 7 0.84 -9.01 -11.64
N ILE A 8 1.89 -8.71 -10.89
CA ILE A 8 1.83 -8.83 -9.43
C ILE A 8 2.17 -7.51 -8.74
N ASP A 9 1.30 -7.10 -7.82
CA ASP A 9 1.59 -5.97 -6.94
C ASP A 9 1.84 -6.49 -5.53
N LEU A 10 3.11 -6.63 -5.17
CA LEU A 10 3.50 -7.14 -3.86
C LEU A 10 3.58 -6.03 -2.83
N GLY A 11 2.47 -5.79 -2.14
CA GLY A 11 2.43 -4.75 -1.12
C GLY A 11 2.75 -5.27 0.27
N THR A 12 3.25 -4.38 1.12
CA THR A 12 3.45 -4.68 2.53
C THR A 12 2.16 -5.15 3.20
N ALA A 13 1.03 -4.63 2.74
CA ALA A 13 -0.27 -4.94 3.35
C ALA A 13 -1.10 -5.91 2.51
N ASN A 14 -1.31 -5.56 1.25
CA ASN A 14 -2.11 -6.38 0.35
C ASN A 14 -1.35 -6.79 -0.91
N THR A 15 -1.63 -7.99 -1.38
CA THR A 15 -1.06 -8.48 -2.63
C THR A 15 -2.18 -8.68 -3.65
N LEU A 16 -1.99 -8.15 -4.85
CA LEU A 16 -2.96 -8.30 -5.92
C LEU A 16 -2.32 -8.97 -7.13
N ILE A 17 -3.13 -9.72 -7.88
CA ILE A 17 -2.65 -10.35 -9.12
C ILE A 17 -3.64 -10.13 -10.25
N TYR A 18 -3.16 -9.50 -11.32
CA TYR A 18 -3.95 -9.29 -12.52
C TYR A 18 -3.60 -10.36 -13.53
N GLN A 19 -4.61 -11.08 -14.00
CA GLN A 19 -4.40 -12.14 -14.98
C GLN A 19 -4.86 -11.67 -16.36
N LYS A 20 -3.97 -11.80 -17.34
CA LYS A 20 -4.27 -11.42 -18.71
C LYS A 20 -5.53 -12.11 -19.21
N GLY A 21 -6.45 -11.32 -19.75
CA GLY A 21 -7.71 -11.86 -20.27
C GLY A 21 -8.83 -11.83 -19.25
N LYS A 22 -8.48 -11.97 -17.98
CA LYS A 22 -9.47 -11.97 -16.90
C LYS A 22 -9.58 -10.60 -16.23
N GLY A 23 -8.47 -10.15 -15.65
CA GLY A 23 -8.44 -8.94 -14.86
C GLY A 23 -7.83 -9.25 -13.52
N ILE A 24 -8.23 -8.54 -12.47
CA ILE A 24 -7.77 -8.85 -11.13
C ILE A 24 -8.48 -10.09 -10.61
N VAL A 25 -7.71 -11.11 -10.25
CA VAL A 25 -8.27 -12.41 -9.87
C VAL A 25 -7.86 -12.84 -8.46
N LEU A 26 -7.09 -12.02 -7.79
CA LEU A 26 -6.68 -12.32 -6.42
C LEU A 26 -6.40 -11.03 -5.66
N ASN A 27 -6.94 -10.94 -4.45
CA ASN A 27 -6.71 -9.80 -3.58
C ASN A 27 -6.69 -10.24 -2.13
N GLU A 28 -5.51 -10.59 -1.64
CA GLU A 28 -5.37 -11.07 -0.26
C GLU A 28 -4.23 -10.36 0.45
N PRO A 29 -4.36 -10.18 1.77
CA PRO A 29 -3.31 -9.55 2.58
C PRO A 29 -1.98 -10.27 2.42
N SER A 30 -0.88 -9.55 2.62
CA SER A 30 0.44 -10.13 2.47
C SER A 30 0.91 -10.71 3.80
N VAL A 31 0.17 -11.69 4.31
CA VAL A 31 0.49 -12.29 5.59
C VAL A 31 0.66 -13.80 5.44
N VAL A 32 1.64 -14.33 6.16
CA VAL A 32 1.88 -15.77 6.17
C VAL A 32 1.90 -16.28 7.61
N ALA A 33 1.22 -17.39 7.85
CA ALA A 33 1.16 -18.00 9.17
C ALA A 33 2.01 -19.27 9.19
N LEU A 34 2.91 -19.36 10.17
CA LEU A 34 3.77 -20.53 10.32
C LEU A 34 3.47 -21.20 11.65
N ARG A 35 3.35 -22.53 11.64
CA ARG A 35 3.14 -23.28 12.88
C ARG A 35 4.35 -24.15 13.20
N ASN A 36 4.66 -24.26 14.48
CA ASN A 36 5.83 -24.99 14.94
C ASN A 36 5.62 -26.50 14.95
N LYS A 41 9.58 -24.38 11.26
CA LYS A 41 8.29 -23.79 10.92
C LYS A 41 7.70 -24.47 9.69
N VAL A 42 6.48 -24.08 9.33
CA VAL A 42 5.81 -24.65 8.16
C VAL A 42 4.61 -23.81 7.75
N VAL A 43 4.50 -23.55 6.45
CA VAL A 43 3.40 -22.75 5.91
C VAL A 43 2.05 -23.35 6.29
N HIS A 44 1.30 -22.62 7.10
CA HIS A 44 0.00 -23.09 7.57
C HIS A 44 -1.14 -22.39 6.83
N ALA A 45 -1.01 -21.07 6.68
CA ALA A 45 -2.04 -20.29 6.00
C ALA A 45 -1.41 -19.07 5.34
N VAL A 46 -1.97 -18.66 4.20
CA VAL A 46 -1.46 -17.50 3.48
C VAL A 46 -2.61 -16.60 3.07
N GLY A 47 -2.45 -15.30 3.31
CA GLY A 47 -3.43 -14.33 2.85
C GLY A 47 -4.53 -14.04 3.85
N ILE A 48 -5.78 -14.10 3.39
CA ILE A 48 -6.94 -13.71 4.18
C ILE A 48 -6.95 -14.42 5.53
N GLU A 49 -6.76 -15.73 5.53
CA GLU A 49 -6.77 -16.52 6.76
C GLU A 49 -5.71 -15.99 7.71
N ALA A 50 -4.49 -15.89 7.20
CA ALA A 50 -3.33 -15.55 8.02
C ALA A 50 -3.47 -14.21 8.73
N LYS A 51 -4.03 -13.22 8.04
CA LYS A 51 -4.15 -11.88 8.60
C LYS A 51 -5.02 -11.88 9.84
N GLN A 52 -6.10 -12.65 9.82
CA GLN A 52 -7.03 -12.73 10.93
C GLN A 52 -6.38 -13.30 12.19
N MET A 53 -5.14 -13.74 12.07
CA MET A 53 -4.41 -14.31 13.20
C MET A 53 -3.49 -13.30 13.87
N LEU A 54 -3.23 -12.18 13.20
CA LEU A 54 -2.33 -11.16 13.74
C LEU A 54 -2.73 -10.77 15.16
N GLY A 55 -1.79 -10.88 16.08
CA GLY A 55 -2.02 -10.51 17.47
C GLY A 55 -2.99 -11.44 18.17
N ARG A 56 -3.13 -12.65 17.63
CA ARG A 56 -4.05 -13.63 18.20
C ARG A 56 -3.53 -15.06 18.06
N THR A 57 -2.23 -15.20 17.82
CA THR A 57 -1.65 -16.52 17.62
C THR A 57 -1.30 -17.20 18.94
N PRO A 58 -1.55 -18.52 19.02
CA PRO A 58 -1.05 -19.30 20.16
C PRO A 58 0.46 -19.43 20.12
N GLY A 59 1.03 -20.05 21.16
CA GLY A 59 2.48 -20.12 21.31
C GLY A 59 3.20 -20.85 20.21
N HIS A 60 2.51 -21.77 19.54
CA HIS A 60 3.14 -22.59 18.50
C HIS A 60 2.86 -22.05 17.10
N MET A 61 2.42 -20.80 17.02
CA MET A 61 2.15 -20.18 15.72
C MET A 61 2.73 -18.78 15.65
N GLU A 62 2.95 -18.30 14.43
CA GLU A 62 3.49 -16.97 14.21
C GLU A 62 2.87 -16.38 12.94
N ALA A 63 2.42 -15.13 13.03
CA ALA A 63 1.85 -14.43 11.88
C ALA A 63 2.83 -13.38 11.39
N ILE A 64 3.28 -13.51 10.15
CA ILE A 64 4.36 -12.67 9.61
C ILE A 64 3.92 -11.86 8.39
N ARG A 65 4.49 -10.66 8.26
CA ARG A 65 4.37 -9.89 7.02
C ARG A 65 5.76 -9.78 6.39
N PRO A 66 6.04 -10.61 5.37
CA PRO A 66 7.37 -10.62 4.75
C PRO A 66 7.86 -9.24 4.32
N MET A 67 6.94 -8.32 4.05
CA MET A 67 7.30 -6.94 3.70
C MET A 67 6.68 -6.00 4.71
N ARG A 68 7.47 -5.03 5.19
CA ARG A 68 7.01 -4.13 6.24
C ARG A 68 7.05 -2.65 5.86
N ASP A 69 8.19 -2.18 5.38
CA ASP A 69 8.37 -0.75 5.13
C ASP A 69 9.07 -0.46 3.81
N GLY A 70 8.46 -0.90 2.71
CA GLY A 70 9.03 -0.71 1.39
C GLY A 70 10.24 -1.59 1.17
N VAL A 71 10.34 -2.63 1.98
CA VAL A 71 11.46 -3.57 1.88
C VAL A 71 10.97 -4.99 2.13
N ILE A 72 11.89 -5.95 2.02
CA ILE A 72 11.59 -7.34 2.33
C ILE A 72 12.39 -7.75 3.56
N ALA A 73 11.82 -7.54 4.74
CA ALA A 73 12.49 -7.84 6.00
C ALA A 73 12.77 -9.34 6.14
N ASP A 74 11.86 -10.15 5.61
CA ASP A 74 12.00 -11.61 5.66
C ASP A 74 11.87 -12.19 4.26
N PHE A 75 13.01 -12.55 3.67
CA PHE A 75 13.04 -12.99 2.27
C PHE A 75 12.42 -14.37 2.05
N GLU A 76 12.72 -15.32 2.94
CA GLU A 76 12.27 -16.69 2.76
C GLU A 76 10.75 -16.82 2.86
N VAL A 77 10.15 -16.15 3.83
CA VAL A 77 8.71 -16.19 4.01
C VAL A 77 8.01 -15.53 2.83
N ALA A 78 8.65 -14.49 2.29
CA ALA A 78 8.12 -13.78 1.14
C ALA A 78 8.05 -14.69 -0.08
N GLU A 79 9.11 -15.47 -0.29
CA GLU A 79 9.18 -16.36 -1.44
C GLU A 79 8.02 -17.35 -1.41
N GLU A 80 7.68 -17.84 -0.23
CA GLU A 80 6.59 -18.79 -0.08
C GLU A 80 5.26 -18.11 -0.38
N MET A 81 5.07 -16.91 0.18
CA MET A 81 3.87 -16.13 -0.05
C MET A 81 3.64 -15.94 -1.55
N ILE A 82 4.65 -15.41 -2.23
CA ILE A 82 4.60 -15.19 -3.67
C ILE A 82 4.25 -16.48 -4.39
N LYS A 83 5.00 -17.54 -4.09
CA LYS A 83 4.77 -18.84 -4.70
C LYS A 83 3.34 -19.31 -4.50
N TYR A 84 2.82 -19.14 -3.29
CA TYR A 84 1.46 -19.59 -2.96
C TYR A 84 0.42 -18.85 -3.80
N PHE A 85 0.56 -17.53 -3.90
CA PHE A 85 -0.38 -16.72 -4.66
C PHE A 85 -0.33 -17.04 -6.15
N ILE A 86 0.87 -17.20 -6.69
CA ILE A 86 1.04 -17.57 -8.09
C ILE A 86 0.40 -18.94 -8.32
N ARG A 87 0.73 -19.88 -7.44
CA ARG A 87 0.15 -21.21 -7.48
C ARG A 87 -1.38 -21.13 -7.49
N LYS A 88 -1.91 -20.35 -6.57
CA LYS A 88 -3.35 -20.27 -6.33
C LYS A 88 -4.13 -19.82 -7.56
N VAL A 89 -3.51 -19.02 -8.41
CA VAL A 89 -4.23 -18.43 -9.55
C VAL A 89 -3.86 -19.09 -10.88
N HIS A 90 -2.86 -19.96 -10.86
CA HIS A 90 -2.46 -20.69 -12.06
C HIS A 90 -3.61 -21.51 -12.62
N ASN A 91 -3.93 -21.30 -13.90
CA ASN A 91 -5.02 -22.02 -14.55
C ASN A 91 -4.52 -23.21 -15.35
N ARG A 92 -4.85 -24.41 -14.89
CA ARG A 92 -4.34 -25.63 -15.52
C ARG A 92 -4.85 -25.82 -16.94
N LYS A 93 -5.94 -25.15 -17.29
CA LYS A 93 -6.46 -25.17 -18.65
C LYS A 93 -5.85 -24.06 -19.49
N GLY A 94 -4.94 -23.30 -18.88
CA GLY A 94 -4.34 -22.16 -19.54
C GLY A 94 -3.02 -22.49 -20.21
N SER A 95 -2.57 -21.60 -21.07
CA SER A 95 -1.31 -21.78 -21.78
C SER A 95 -0.12 -21.73 -20.83
N GLY A 96 1.04 -22.10 -21.33
CA GLY A 96 2.26 -22.06 -20.54
C GLY A 96 3.10 -20.85 -20.90
N ASN A 97 4.39 -20.94 -20.63
CA ASN A 97 5.30 -19.83 -20.85
C ASN A 97 4.83 -18.58 -20.10
N PRO A 98 4.46 -18.74 -18.82
CA PRO A 98 3.91 -17.61 -18.06
C PRO A 98 4.80 -16.37 -18.07
N LYS A 99 4.30 -15.29 -18.66
CA LYS A 99 4.96 -13.99 -18.59
C LYS A 99 4.53 -13.30 -17.30
N VAL A 100 5.47 -12.77 -16.55
CA VAL A 100 5.15 -12.17 -15.25
C VAL A 100 5.72 -10.77 -15.09
N ILE A 101 4.84 -9.78 -15.00
CA ILE A 101 5.24 -8.43 -14.69
C ILE A 101 5.12 -8.22 -13.19
N VAL A 102 6.18 -7.72 -12.55
CA VAL A 102 6.15 -7.46 -11.12
C VAL A 102 6.35 -5.98 -10.84
N CYS A 103 5.40 -5.38 -10.13
CA CYS A 103 5.53 -3.99 -9.70
C CYS A 103 6.57 -3.88 -8.59
N VAL A 104 7.37 -2.83 -8.65
CA VAL A 104 8.46 -2.64 -7.70
C VAL A 104 8.65 -1.14 -7.41
N PRO A 105 8.92 -0.80 -6.14
CA PRO A 105 9.14 0.61 -5.79
C PRO A 105 10.41 1.20 -6.40
N SER A 106 10.54 2.52 -6.33
CA SER A 106 11.70 3.20 -6.88
C SER A 106 12.87 3.12 -5.90
N GLY A 107 12.56 3.03 -4.61
CA GLY A 107 13.56 2.78 -3.59
C GLY A 107 13.79 1.28 -3.46
N ALA A 108 14.06 0.63 -4.59
CA ALA A 108 14.19 -0.82 -4.64
C ALA A 108 15.61 -1.24 -4.94
N THR A 109 16.25 -1.90 -3.98
CA THR A 109 17.62 -2.36 -4.14
C THR A 109 17.65 -3.56 -5.08
N ALA A 110 18.79 -3.76 -5.74
CA ALA A 110 18.96 -4.88 -6.66
C ALA A 110 18.82 -6.21 -5.93
N VAL A 111 19.08 -6.19 -4.62
CA VAL A 111 18.90 -7.38 -3.80
C VAL A 111 17.42 -7.76 -3.78
N GLU A 112 16.57 -6.76 -3.58
CA GLU A 112 15.12 -6.97 -3.54
C GLU A 112 14.61 -7.39 -4.91
N ARG A 113 15.24 -6.90 -5.96
CA ARG A 113 14.85 -7.22 -7.33
C ARG A 113 15.24 -8.65 -7.68
N ARG A 114 16.52 -8.98 -7.50
CA ARG A 114 17.03 -10.30 -7.80
C ARG A 114 16.23 -11.39 -7.09
N ALA A 115 15.81 -11.11 -5.87
CA ALA A 115 15.01 -12.07 -5.10
C ALA A 115 13.63 -12.21 -5.70
N ILE A 116 12.95 -11.08 -5.90
CA ILE A 116 11.64 -11.06 -6.53
C ILE A 116 11.65 -11.88 -7.82
N ASN A 117 12.68 -11.67 -8.63
CA ASN A 117 12.80 -12.36 -9.91
C ASN A 117 12.90 -13.88 -9.74
N ASP A 118 13.87 -14.31 -8.95
CA ASP A 118 14.10 -15.74 -8.73
C ASP A 118 12.87 -16.40 -8.11
N SER A 119 12.19 -15.68 -7.23
CA SER A 119 11.00 -16.20 -6.56
C SER A 119 9.91 -16.57 -7.56
N CYS A 120 9.77 -15.77 -8.61
CA CYS A 120 8.78 -16.04 -9.64
C CYS A 120 9.18 -17.22 -10.51
N LEU A 121 10.49 -17.34 -10.79
CA LEU A 121 10.98 -18.43 -11.62
C LEU A 121 10.74 -19.79 -10.97
N ASN A 122 10.96 -19.86 -9.66
CA ASN A 122 10.70 -21.09 -8.92
C ASN A 122 9.20 -21.32 -8.76
N ALA A 123 8.41 -20.30 -9.06
CA ALA A 123 6.96 -20.38 -8.95
C ALA A 123 6.35 -20.83 -10.27
N GLY A 124 7.12 -20.79 -11.35
CA GLY A 124 6.66 -21.24 -12.65
C GLY A 124 6.86 -20.21 -13.75
N ALA A 125 7.41 -19.05 -13.39
CA ALA A 125 7.63 -17.98 -14.36
C ALA A 125 8.81 -18.31 -15.28
N ARG A 126 8.65 -18.02 -16.57
CA ARG A 126 9.73 -18.21 -17.53
C ARG A 126 10.35 -16.87 -17.90
N ARG A 127 9.52 -15.85 -18.02
CA ARG A 127 9.99 -14.48 -18.23
C ARG A 127 9.46 -13.57 -17.13
N VAL A 128 10.28 -12.61 -16.71
CA VAL A 128 9.90 -11.70 -15.64
C VAL A 128 10.29 -10.26 -15.97
N GLY A 129 9.29 -9.42 -16.20
CA GLY A 129 9.51 -8.01 -16.42
C GLY A 129 9.18 -7.20 -15.18
N LEU A 130 9.74 -6.00 -15.09
CA LEU A 130 9.53 -5.14 -13.93
C LEU A 130 8.94 -3.79 -14.36
N ILE A 131 8.15 -3.20 -13.48
CA ILE A 131 7.55 -1.89 -13.75
C ILE A 131 7.55 -1.05 -12.47
N ASP A 132 7.78 0.26 -12.64
CA ASP A 132 7.88 1.15 -11.50
C ASP A 132 6.51 1.39 -10.88
N GLU A 133 6.43 1.34 -9.57
CA GLU A 133 5.16 1.48 -8.86
C GLU A 133 4.42 2.75 -9.22
N PRO A 134 5.11 3.90 -9.20
CA PRO A 134 4.43 5.17 -9.46
C PRO A 134 3.86 5.22 -10.88
N MET A 135 4.53 4.53 -11.80
CA MET A 135 4.08 4.45 -13.17
C MET A 135 2.83 3.58 -13.25
N ALA A 136 2.90 2.39 -12.65
CA ALA A 136 1.79 1.47 -12.62
C ALA A 136 0.57 2.14 -11.97
N ALA A 137 0.82 2.89 -10.91
CA ALA A 137 -0.25 3.57 -10.19
C ALA A 137 -0.92 4.59 -11.09
N ALA A 138 -0.12 5.45 -11.71
CA ALA A 138 -0.63 6.51 -12.59
C ALA A 138 -1.50 5.94 -13.69
N ILE A 139 -1.01 4.91 -14.37
CA ILE A 139 -1.76 4.27 -15.44
C ILE A 139 -3.09 3.74 -14.92
N GLY A 140 -3.04 3.02 -13.80
CA GLY A 140 -4.23 2.46 -13.21
C GLY A 140 -5.26 3.52 -12.87
N ALA A 141 -4.78 4.67 -12.40
CA ALA A 141 -5.64 5.76 -12.01
C ALA A 141 -6.21 6.48 -13.24
N GLY A 142 -5.68 6.16 -14.41
CA GLY A 142 -6.19 6.69 -15.66
C GLY A 142 -5.56 7.99 -16.10
N LEU A 143 -4.37 8.29 -15.57
CA LEU A 143 -3.67 9.51 -15.95
C LEU A 143 -3.07 9.35 -17.35
N PRO A 144 -2.95 10.45 -18.09
CA PRO A 144 -2.40 10.46 -19.45
C PRO A 144 -0.88 10.45 -19.45
N ILE A 145 -0.29 9.44 -18.81
CA ILE A 145 1.16 9.40 -18.64
C ILE A 145 1.92 9.28 -19.96
N HIS A 146 1.19 9.06 -21.05
CA HIS A 146 1.82 8.98 -22.36
C HIS A 146 1.93 10.34 -23.04
N GLU A 147 1.07 11.28 -22.62
CA GLU A 147 1.03 12.60 -23.23
C GLU A 147 2.14 13.52 -22.74
N PRO A 148 2.42 14.59 -23.50
CA PRO A 148 3.36 15.64 -23.09
C PRO A 148 2.73 16.59 -22.07
N THR A 149 2.47 16.07 -20.87
CA THR A 149 1.96 16.90 -19.78
C THR A 149 2.37 16.30 -18.45
N GLY A 150 2.67 17.15 -17.49
CA GLY A 150 3.04 16.68 -16.17
C GLY A 150 1.85 16.11 -15.44
N SER A 151 1.99 14.88 -14.97
CA SER A 151 0.98 14.25 -14.13
C SER A 151 1.62 13.82 -12.83
N MET A 152 1.04 14.24 -11.72
CA MET A 152 1.57 13.88 -10.40
C MET A 152 0.68 12.86 -9.72
N VAL A 153 1.28 11.78 -9.25
CA VAL A 153 0.54 10.74 -8.54
C VAL A 153 1.14 10.52 -7.15
N VAL A 154 0.26 10.30 -6.18
CA VAL A 154 0.70 10.04 -4.81
C VAL A 154 0.10 8.72 -4.33
N ASP A 155 0.93 7.69 -4.29
CA ASP A 155 0.49 6.36 -3.89
C ASP A 155 0.77 6.11 -2.42
N ILE A 156 -0.21 6.39 -1.56
CA ILE A 156 -0.07 6.17 -0.13
C ILE A 156 -0.43 4.73 0.21
N GLY A 157 0.59 3.92 0.51
CA GLY A 157 0.37 2.53 0.83
C GLY A 157 0.46 2.26 2.33
N GLY A 158 0.80 1.02 2.68
CA GLY A 158 0.91 0.63 4.07
C GLY A 158 2.26 0.95 4.65
N GLY A 159 3.32 0.72 3.87
CA GLY A 159 4.67 0.90 4.36
C GLY A 159 5.39 2.11 3.79
N THR A 160 4.89 2.62 2.66
CA THR A 160 5.54 3.72 1.98
C THR A 160 4.56 4.60 1.23
N THR A 161 5.01 5.81 0.92
CA THR A 161 4.30 6.71 0.04
C THR A 161 5.25 7.12 -1.08
N GLU A 162 4.77 7.04 -2.32
CA GLU A 162 5.60 7.42 -3.46
C GLU A 162 4.96 8.57 -4.22
N VAL A 163 5.67 9.68 -4.29
CA VAL A 163 5.23 10.84 -5.04
C VAL A 163 6.05 10.94 -6.32
N ALA A 164 5.37 10.95 -7.45
CA ALA A 164 6.05 10.99 -8.75
C ALA A 164 5.33 11.90 -9.75
N VAL A 165 6.13 12.62 -10.53
CA VAL A 165 5.63 13.40 -11.64
C VAL A 165 6.02 12.69 -12.92
N LEU A 166 5.07 12.53 -13.84
CA LEU A 166 5.31 11.74 -15.04
C LEU A 166 4.89 12.48 -16.31
N SER A 167 5.52 12.13 -17.42
CA SER A 167 5.10 12.59 -18.74
C SER A 167 5.89 11.85 -19.82
N LEU A 168 5.35 11.82 -21.03
CA LEU A 168 5.97 11.09 -22.14
C LEU A 168 6.44 9.70 -21.72
N SER A 169 5.52 8.93 -21.14
CA SER A 169 5.78 7.53 -20.81
C SER A 169 6.97 7.36 -19.86
N GLY A 170 7.31 8.41 -19.13
CA GLY A 170 8.47 8.36 -18.26
C GLY A 170 8.32 9.16 -16.98
N ILE A 171 9.34 9.09 -16.13
CA ILE A 171 9.32 9.74 -14.83
C ILE A 171 10.16 11.01 -14.83
N VAL A 172 9.55 12.12 -14.45
CA VAL A 172 10.25 13.40 -14.34
C VAL A 172 10.87 13.53 -12.96
N TYR A 173 10.07 13.20 -11.95
CA TYR A 173 10.51 13.24 -10.57
C TYR A 173 9.90 12.06 -9.83
N SER A 174 10.59 11.56 -8.82
CA SER A 174 10.16 10.34 -8.15
C SER A 174 10.88 10.14 -6.83
N ARG A 175 10.12 10.13 -5.74
CA ARG A 175 10.68 9.98 -4.40
C ARG A 175 9.80 9.09 -3.52
N SER A 176 10.45 8.28 -2.70
CA SER A 176 9.75 7.39 -1.79
C SER A 176 10.04 7.79 -0.34
N VAL A 177 9.02 7.77 0.49
CA VAL A 177 9.17 8.10 1.91
C VAL A 177 8.54 7.02 2.78
N ARG A 178 9.26 6.61 3.82
CA ARG A 178 8.79 5.55 4.69
C ARG A 178 7.69 6.04 5.61
N VAL A 179 6.54 6.36 5.03
CA VAL A 179 5.36 6.74 5.78
C VAL A 179 4.11 6.26 5.05
N GLY A 180 3.14 5.78 5.80
CA GLY A 180 1.91 5.25 5.21
C GLY A 180 0.95 4.75 6.27
N GLY A 181 0.19 3.71 5.92
CA GLY A 181 -0.80 3.16 6.82
C GLY A 181 -0.22 2.61 8.10
N ASP A 182 0.84 1.82 7.99
CA ASP A 182 1.49 1.22 9.15
C ASP A 182 1.82 2.27 10.19
N LYS A 183 2.53 3.31 9.76
CA LYS A 183 2.92 4.38 10.67
C LYS A 183 1.71 5.18 11.14
N MET A 184 0.68 5.24 10.30
CA MET A 184 -0.57 5.87 10.70
C MET A 184 -1.23 5.06 11.82
N ASP A 185 -1.09 3.74 11.76
CA ASP A 185 -1.60 2.86 12.80
C ASP A 185 -0.75 3.03 14.07
N GLU A 186 0.56 3.01 13.89
CA GLU A 186 1.49 3.22 14.99
C GLU A 186 1.14 4.48 15.76
N ALA A 187 0.81 5.54 15.03
CA ALA A 187 0.49 6.83 15.63
C ALA A 187 -0.71 6.71 16.53
N ILE A 188 -1.73 5.97 16.10
CA ILE A 188 -2.93 5.78 16.89
C ILE A 188 -2.61 4.97 18.15
N ILE A 189 -1.79 3.94 17.99
CA ILE A 189 -1.38 3.11 19.12
C ILE A 189 -0.63 3.95 20.14
N SER A 190 0.19 4.87 19.67
CA SER A 190 0.96 5.74 20.54
C SER A 190 0.05 6.75 21.24
N TYR A 191 -0.92 7.27 20.50
CA TYR A 191 -1.84 8.25 21.04
C TYR A 191 -2.64 7.66 22.20
N MET A 192 -3.19 6.47 21.99
CA MET A 192 -3.97 5.79 23.01
C MET A 192 -3.13 5.50 24.24
N ARG A 193 -1.84 5.25 24.03
CA ARG A 193 -0.93 4.95 25.12
C ARG A 193 -0.50 6.21 25.87
N ARG A 194 -0.28 7.29 25.13
CA ARG A 194 0.26 8.52 25.72
C ARG A 194 -0.83 9.42 26.30
N HIS A 195 -2.10 9.11 26.00
CA HIS A 195 -3.19 9.98 26.42
C HIS A 195 -4.31 9.28 27.20
N HIS A 196 -4.39 7.96 27.08
CA HIS A 196 -5.45 7.22 27.78
C HIS A 196 -4.89 6.02 28.52
N ASN A 197 -3.57 5.93 28.61
CA ASN A 197 -2.92 4.85 29.32
C ASN A 197 -3.54 3.50 28.96
N LEU A 198 -3.76 3.30 27.66
CA LEU A 198 -4.39 2.08 27.17
C LEU A 198 -3.58 1.50 26.01
N LEU A 199 -3.26 0.22 26.09
CA LEU A 199 -2.54 -0.46 25.02
C LEU A 199 -3.52 -1.14 24.09
N ILE A 200 -3.35 -0.91 22.79
CA ILE A 200 -4.20 -1.55 21.80
C ILE A 200 -3.36 -2.28 20.76
N GLY A 201 -3.96 -3.25 20.09
CA GLY A 201 -3.28 -3.99 19.04
C GLY A 201 -3.37 -3.29 17.70
N GLU A 202 -2.54 -3.72 16.76
CA GLU A 202 -2.47 -3.10 15.43
C GLU A 202 -3.77 -3.30 14.65
N THR A 203 -4.44 -4.42 14.90
CA THR A 203 -5.75 -4.66 14.29
C THR A 203 -6.75 -3.62 14.78
N THR A 204 -6.81 -3.43 16.09
CA THR A 204 -7.69 -2.45 16.68
C THR A 204 -7.36 -1.05 16.15
N ALA A 205 -6.07 -0.75 16.06
CA ALA A 205 -5.62 0.55 15.57
C ALA A 205 -6.11 0.78 14.15
N GLU A 206 -5.88 -0.21 13.29
CA GLU A 206 -6.25 -0.08 11.88
C GLU A 206 -7.76 0.09 11.71
N ARG A 207 -8.53 -0.48 12.63
CA ARG A 207 -9.98 -0.35 12.56
C ARG A 207 -10.40 1.08 12.92
N ILE A 208 -9.75 1.64 13.94
CA ILE A 208 -10.03 3.01 14.35
C ILE A 208 -9.75 3.95 13.19
N LYS A 209 -8.65 3.71 12.50
CA LYS A 209 -8.27 4.53 11.36
C LYS A 209 -9.39 4.57 10.33
N LYS A 210 -9.90 3.40 9.96
CA LYS A 210 -10.93 3.30 8.94
C LYS A 210 -12.29 3.83 9.41
N GLU A 211 -12.60 3.64 10.69
CA GLU A 211 -13.92 4.00 11.21
C GLU A 211 -14.05 5.50 11.54
N ILE A 212 -13.02 6.10 12.11
CA ILE A 212 -13.07 7.54 12.41
C ILE A 212 -11.80 8.29 12.02
N GLY A 213 -10.82 7.59 11.48
CA GLY A 213 -9.58 8.24 11.07
C GLY A 213 -9.87 9.38 10.12
N THR A 214 -9.11 10.46 10.25
CA THR A 214 -9.28 11.62 9.38
C THR A 214 -8.05 12.51 9.46
N ALA A 215 -7.73 13.17 8.35
CA ALA A 215 -6.53 14.01 8.27
C ALA A 215 -6.78 15.37 8.91
N ARG A 216 -8.05 15.68 9.17
CA ARG A 216 -8.42 16.97 9.74
C ARG A 216 -9.68 16.82 10.60
N ALA A 217 -9.69 17.51 11.74
CA ALA A 217 -10.82 17.44 12.65
C ALA A 217 -12.01 18.19 12.09
N PRO A 218 -13.21 17.94 12.65
CA PRO A 218 -14.42 18.65 12.23
C PRO A 218 -14.24 20.17 12.31
N GLY A 223 -15.99 15.24 17.22
CA GLY A 223 -17.19 15.05 16.44
C GLY A 223 -17.75 13.64 16.58
N LEU A 224 -17.59 12.85 15.52
CA LEU A 224 -18.00 11.45 15.52
C LEU A 224 -17.07 10.65 16.44
N SER A 225 -17.52 9.51 16.93
CA SER A 225 -16.70 8.74 17.87
C SER A 225 -17.00 7.24 17.88
N ILE A 226 -16.08 6.47 18.48
CA ILE A 226 -16.22 5.03 18.61
C ILE A 226 -15.67 4.55 19.96
N ASP A 227 -15.82 3.26 20.23
CA ASP A 227 -15.32 2.68 21.47
C ASP A 227 -14.13 1.76 21.20
N VAL A 228 -13.01 2.04 21.86
CA VAL A 228 -11.78 1.30 21.64
C VAL A 228 -11.56 0.21 22.67
N LYS A 229 -11.47 -1.03 22.21
CA LYS A 229 -11.25 -2.17 23.09
C LYS A 229 -9.75 -2.45 23.29
N GLY A 230 -9.21 -1.97 24.40
CA GLY A 230 -7.81 -2.20 24.72
C GLY A 230 -7.62 -2.63 26.17
N ARG A 231 -6.43 -2.39 26.71
CA ARG A 231 -6.13 -2.75 28.09
C ARG A 231 -5.49 -1.58 28.85
N ASP A 232 -5.86 -1.44 30.12
CA ASP A 232 -5.28 -0.41 30.97
C ASP A 232 -3.89 -0.84 31.40
N LEU A 233 -2.91 0.04 31.20
CA LEU A 233 -1.50 -0.30 31.43
C LEU A 233 -1.16 -0.60 32.88
N MET A 234 -1.74 0.17 33.81
CA MET A 234 -1.36 0.02 35.22
C MET A 234 -1.91 -1.29 35.80
N GLN A 235 -3.23 -1.43 35.80
CA GLN A 235 -3.85 -2.63 36.35
C GLN A 235 -3.98 -3.73 35.30
N GLY A 236 -3.43 -3.50 34.11
CA GLY A 236 -3.27 -4.53 33.11
C GLY A 236 -4.50 -5.38 32.83
N VAL A 237 -5.67 -4.75 32.81
CA VAL A 237 -6.91 -5.47 32.55
C VAL A 237 -7.74 -4.74 31.50
N PRO A 238 -8.49 -5.47 30.68
CA PRO A 238 -9.31 -4.86 29.62
C PRO A 238 -10.13 -3.65 30.07
N ARG A 239 -10.03 -2.58 29.30
CA ARG A 239 -10.89 -1.40 29.48
C ARG A 239 -11.15 -0.83 28.10
N GLU A 240 -12.24 -0.06 27.97
CA GLU A 240 -12.52 0.59 26.70
C GLU A 240 -12.78 2.07 26.91
N VAL A 241 -12.22 2.88 26.01
CA VAL A 241 -12.39 4.33 26.06
C VAL A 241 -13.00 4.79 24.75
N ARG A 242 -13.81 5.84 24.81
CA ARG A 242 -14.43 6.39 23.63
C ARG A 242 -13.53 7.46 23.02
N ILE A 243 -13.33 7.39 21.71
CA ILE A 243 -12.44 8.30 21.00
C ILE A 243 -13.20 8.98 19.86
N SER A 244 -12.83 10.22 19.57
CA SER A 244 -13.56 11.04 18.61
C SER A 244 -12.77 11.30 17.34
N GLU A 245 -13.46 11.81 16.32
CA GLU A 245 -12.85 12.16 15.05
C GLU A 245 -11.73 13.17 15.29
N LYS A 246 -11.95 14.07 16.24
CA LYS A 246 -10.96 15.07 16.60
C LYS A 246 -9.71 14.39 17.15
N GLN A 247 -9.89 13.63 18.23
CA GLN A 247 -8.79 12.92 18.85
C GLN A 247 -8.03 12.09 17.81
N ALA A 248 -8.78 11.50 16.88
CA ALA A 248 -8.17 10.69 15.82
C ALA A 248 -7.26 11.53 14.94
N ALA A 249 -7.70 12.75 14.62
CA ALA A 249 -6.92 13.65 13.80
C ALA A 249 -5.63 14.02 14.51
N ASP A 250 -5.73 14.27 15.81
CA ASP A 250 -4.55 14.58 16.61
C ASP A 250 -3.51 13.46 16.50
N ALA A 251 -3.95 12.24 16.74
CA ALA A 251 -3.07 11.09 16.67
C ALA A 251 -2.34 11.02 15.33
N LEU A 252 -3.04 11.39 14.26
CA LEU A 252 -2.51 11.19 12.92
C LEU A 252 -1.83 12.43 12.33
N ALA A 253 -1.77 13.50 13.12
CA ALA A 253 -1.25 14.78 12.62
C ALA A 253 0.14 14.65 11.99
N GLU A 254 1.05 13.98 12.69
CA GLU A 254 2.43 13.88 12.22
C GLU A 254 2.53 13.10 10.90
N PRO A 255 2.13 11.82 10.89
CA PRO A 255 2.24 11.04 9.66
C PRO A 255 1.53 11.71 8.49
N VAL A 256 0.39 12.33 8.74
CA VAL A 256 -0.32 13.06 7.71
C VAL A 256 0.51 14.22 7.21
N GLY A 257 1.15 14.92 8.15
CA GLY A 257 1.98 16.07 7.82
C GLY A 257 3.16 15.70 6.95
N GLN A 258 3.72 14.53 7.19
CA GLN A 258 4.90 14.08 6.45
C GLN A 258 4.53 13.71 5.02
N ILE A 259 3.25 13.39 4.79
CA ILE A 259 2.76 13.13 3.44
C ILE A 259 2.65 14.45 2.70
N VAL A 260 1.95 15.41 3.30
CA VAL A 260 1.78 16.72 2.71
C VAL A 260 3.13 17.31 2.33
N GLU A 261 4.10 17.17 3.22
CA GLU A 261 5.43 17.71 2.99
C GLU A 261 6.04 17.11 1.72
N ALA A 262 6.05 15.79 1.63
CA ALA A 262 6.63 15.11 0.48
C ALA A 262 5.95 15.56 -0.80
N VAL A 263 4.67 15.86 -0.72
CA VAL A 263 3.92 16.34 -1.88
C VAL A 263 4.44 17.71 -2.32
N LYS A 264 4.77 18.56 -1.34
CA LYS A 264 5.30 19.88 -1.62
C LYS A 264 6.70 19.76 -2.23
N VAL A 265 7.55 18.99 -1.56
CA VAL A 265 8.92 18.78 -2.02
C VAL A 265 8.92 18.34 -3.48
N ALA A 266 7.93 17.53 -3.85
CA ALA A 266 7.81 17.06 -5.22
C ALA A 266 7.55 18.23 -6.16
N LEU A 267 6.70 19.16 -5.74
CA LEU A 267 6.35 20.31 -6.57
C LEU A 267 7.53 21.26 -6.74
N GLU A 268 8.20 21.60 -5.64
CA GLU A 268 9.34 22.52 -5.69
C GLU A 268 10.39 22.01 -6.67
N ALA A 269 10.43 20.69 -6.86
CA ALA A 269 11.41 20.08 -7.75
C ALA A 269 10.86 19.87 -9.16
N THR A 270 9.66 20.41 -9.41
CA THR A 270 9.02 20.24 -10.70
C THR A 270 9.17 21.49 -11.54
N PRO A 271 9.75 21.36 -12.75
CA PRO A 271 9.91 22.51 -13.62
C PRO A 271 8.58 23.26 -13.78
N PRO A 272 8.65 24.57 -14.04
CA PRO A 272 7.46 25.44 -14.04
C PRO A 272 6.35 24.94 -14.96
N GLU A 273 6.69 24.57 -16.19
CA GLU A 273 5.70 24.14 -17.18
C GLU A 273 4.96 22.88 -16.72
N LEU A 274 5.71 21.87 -16.31
CA LEU A 274 5.13 20.63 -15.82
C LEU A 274 4.31 20.88 -14.56
N ALA A 275 4.74 21.82 -13.74
CA ALA A 275 4.05 22.13 -12.50
C ALA A 275 2.69 22.75 -12.76
N SER A 276 2.56 23.47 -13.87
CA SER A 276 1.29 24.10 -14.23
C SER A 276 0.27 23.05 -14.65
N ASP A 277 0.71 22.09 -15.45
CA ASP A 277 -0.16 21.01 -15.91
C ASP A 277 -0.78 20.31 -14.70
N ILE A 278 -0.02 20.24 -13.60
CA ILE A 278 -0.48 19.59 -12.39
C ILE A 278 -1.55 20.41 -11.68
N ALA A 279 -1.43 21.74 -11.77
CA ALA A 279 -2.39 22.63 -11.14
C ALA A 279 -3.70 22.67 -11.93
N ASP A 280 -3.63 22.36 -13.22
CA ASP A 280 -4.81 22.33 -14.06
C ASP A 280 -5.73 21.19 -13.65
N LYS A 281 -5.26 19.96 -13.86
CA LYS A 281 -6.06 18.77 -13.61
C LYS A 281 -5.98 18.37 -12.14
N GLY A 282 -4.83 18.60 -11.51
CA GLY A 282 -4.67 18.35 -10.10
C GLY A 282 -3.75 17.19 -9.80
N ILE A 283 -3.66 16.85 -8.51
CA ILE A 283 -2.85 15.74 -8.06
C ILE A 283 -3.74 14.53 -7.83
N MET A 284 -3.26 13.36 -8.23
CA MET A 284 -4.02 12.12 -8.11
C MET A 284 -3.46 11.24 -7.00
N LEU A 285 -4.29 10.96 -6.00
CA LEU A 285 -3.90 10.07 -4.91
C LEU A 285 -4.37 8.65 -5.19
N THR A 286 -3.51 7.68 -4.91
CA THR A 286 -3.87 6.27 -5.02
C THR A 286 -3.43 5.54 -3.76
N GLY A 287 -3.59 4.22 -3.75
CA GLY A 287 -3.24 3.44 -2.58
C GLY A 287 -4.32 3.50 -1.53
N GLY A 288 -4.30 2.54 -0.61
CA GLY A 288 -5.31 2.46 0.44
C GLY A 288 -5.26 3.64 1.38
N GLY A 289 -4.09 4.27 1.48
CA GLY A 289 -3.92 5.44 2.32
C GLY A 289 -4.69 6.63 1.80
N ALA A 290 -5.05 6.58 0.52
CA ALA A 290 -5.80 7.68 -0.11
C ALA A 290 -7.25 7.68 0.35
N LEU A 291 -7.65 6.62 1.05
CA LEU A 291 -9.01 6.51 1.55
C LEU A 291 -9.16 7.16 2.93
N LEU A 292 -8.06 7.63 3.49
CA LEU A 292 -8.10 8.37 4.75
C LEU A 292 -8.90 9.64 4.54
N ARG A 293 -10.00 9.78 5.28
CA ARG A 293 -10.90 10.90 5.09
C ARG A 293 -10.20 12.23 5.28
N GLY A 294 -10.48 13.17 4.38
CA GLY A 294 -9.98 14.53 4.51
C GLY A 294 -8.54 14.69 4.08
N LEU A 295 -7.89 13.60 3.71
CA LEU A 295 -6.50 13.68 3.27
C LEU A 295 -6.39 14.51 2.00
N ASP A 296 -7.23 14.18 1.02
CA ASP A 296 -7.25 14.92 -0.23
C ASP A 296 -7.47 16.40 0.04
N ALA A 297 -8.37 16.71 0.98
CA ALA A 297 -8.68 18.10 1.32
C ALA A 297 -7.48 18.78 1.97
N GLU A 298 -6.81 18.05 2.86
CA GLU A 298 -5.63 18.58 3.54
C GLU A 298 -4.56 18.98 2.54
N ILE A 299 -4.17 18.02 1.70
CA ILE A 299 -3.16 18.27 0.67
C ILE A 299 -3.58 19.46 -0.19
N ARG A 300 -4.87 19.48 -0.55
CA ARG A 300 -5.40 20.53 -1.39
C ARG A 300 -5.13 21.89 -0.77
N ASP A 301 -5.41 22.02 0.53
CA ASP A 301 -5.23 23.28 1.23
C ASP A 301 -3.75 23.67 1.33
N HIS A 302 -2.92 22.73 1.77
CA HIS A 302 -1.50 23.02 1.99
C HIS A 302 -0.73 23.21 0.68
N THR A 303 -1.29 22.75 -0.42
CA THR A 303 -0.62 22.87 -1.72
C THR A 303 -1.32 23.89 -2.61
N GLY A 304 -2.57 24.20 -2.31
CA GLY A 304 -3.35 25.13 -3.11
C GLY A 304 -3.83 24.54 -4.42
N LEU A 305 -3.40 23.32 -4.73
CA LEU A 305 -3.76 22.67 -5.98
C LEU A 305 -4.95 21.76 -5.77
N PRO A 306 -5.76 21.56 -6.81
CA PRO A 306 -6.90 20.64 -6.71
C PRO A 306 -6.41 19.21 -6.53
N VAL A 307 -7.08 18.45 -5.68
CA VAL A 307 -6.71 17.07 -5.41
C VAL A 307 -7.87 16.14 -5.70
N THR A 308 -7.57 14.99 -6.28
CA THR A 308 -8.60 14.02 -6.63
C THR A 308 -8.19 12.62 -6.20
N VAL A 309 -9.12 11.90 -5.58
CA VAL A 309 -8.88 10.52 -5.17
C VAL A 309 -9.30 9.60 -6.31
N ALA A 310 -8.39 8.73 -6.72
CA ALA A 310 -8.65 7.81 -7.83
C ALA A 310 -9.78 6.85 -7.50
N ASP A 311 -10.26 6.14 -8.51
CA ASP A 311 -11.26 5.09 -8.30
C ASP A 311 -10.55 3.79 -7.95
N ASP A 312 -11.15 3.02 -7.04
CA ASP A 312 -10.53 1.81 -6.53
C ASP A 312 -9.04 2.04 -6.29
N PRO A 313 -8.71 2.97 -5.38
CA PRO A 313 -7.33 3.32 -5.04
C PRO A 313 -6.45 2.11 -4.73
N LEU A 314 -7.03 1.08 -4.14
CA LEU A 314 -6.29 -0.11 -3.74
C LEU A 314 -5.84 -0.95 -4.94
N SER A 315 -6.43 -0.69 -6.09
CA SER A 315 -6.21 -1.55 -7.26
C SER A 315 -5.46 -0.87 -8.41
N CYS A 316 -5.18 0.41 -8.27
CA CYS A 316 -4.58 1.16 -9.36
C CYS A 316 -3.30 0.51 -9.89
N VAL A 317 -2.37 0.19 -8.99
CA VAL A 317 -1.12 -0.42 -9.40
C VAL A 317 -1.36 -1.70 -10.20
N ALA A 318 -2.20 -2.57 -9.67
CA ALA A 318 -2.50 -3.85 -10.32
C ALA A 318 -3.11 -3.63 -11.70
N LEU A 319 -4.07 -2.72 -11.78
CA LEU A 319 -4.76 -2.43 -13.04
C LEU A 319 -3.83 -1.79 -14.05
N GLY A 320 -2.90 -0.97 -13.57
CA GLY A 320 -1.92 -0.35 -14.43
C GLY A 320 -0.95 -1.38 -14.97
N CYS A 321 -0.54 -2.31 -14.12
CA CYS A 321 0.35 -3.40 -14.52
C CYS A 321 -0.35 -4.29 -15.56
N GLY A 322 -1.63 -4.58 -15.31
CA GLY A 322 -2.39 -5.44 -16.21
C GLY A 322 -2.53 -4.84 -17.59
N LYS A 323 -2.79 -3.53 -17.66
CA LYS A 323 -2.94 -2.85 -18.93
C LYS A 323 -1.68 -3.05 -19.77
N VAL A 324 -0.53 -3.01 -19.10
CA VAL A 324 0.73 -3.21 -19.78
C VAL A 324 0.88 -4.66 -20.21
N LEU A 325 0.45 -5.57 -19.34
CA LEU A 325 0.54 -6.99 -19.63
C LEU A 325 -0.21 -7.33 -20.92
N GLU A 326 -1.24 -6.56 -21.22
CA GLU A 326 -2.06 -6.80 -22.40
C GLU A 326 -1.53 -6.05 -23.62
N HIS A 327 -0.40 -5.38 -23.46
CA HIS A 327 0.19 -4.59 -24.55
C HIS A 327 1.70 -4.45 -24.40
#